data_6QKS
#
_entry.id   6QKS
#
_cell.length_a   41.880
_cell.length_b   78.090
_cell.length_c   85.060
_cell.angle_alpha   90.00
_cell.angle_beta   103.37
_cell.angle_gamma   90.00
#
_symmetry.space_group_name_H-M   'P 1 21 1'
#
loop_
_entity.id
_entity.type
_entity.pdbx_description
1 polymer 'Fluoroacetate dehalogenase'
2 non-polymer 'CHLORIDE ION'
3 water water
#
_entity_poly.entity_id   1
_entity_poly.type   'polypeptide(L)'
_entity_poly.pdbx_seq_one_letter_code
;GHMPDLADLFPGFGSEWINTSSGRIFARVGGDGPPLLLLHGFPQTHVMWHRVAPKLAERFKVIVADLPGYGWSDMPESDE
QHTPYTKRAMAKQLIEAMEQLGHVHFALAGHDRGARVSYRLALDSPGRLSKLAVLDILPTYEYWQRMNRAYALKIYHWSF
LAQPAPLPENLLGGDPDFYVKAKLASWTRAGDLSAFDPRAVEHYRIAFADPMRRHVMCEDFRAGAYADFEHDKIDVEAGN
KIPVPMLALWGASGIAQSAATPLDVWRKWASDVQGAPIESGHFLPEEAPDQTAEALVRFFSAAPGS
;
_entity_poly.pdbx_strand_id   A,B
#
loop_
_chem_comp.id
_chem_comp.type
_chem_comp.name
_chem_comp.formula
CL non-polymer 'CHLORIDE ION' 'Cl -1'
#
# COMPACT_ATOMS: atom_id res chain seq x y z
N GLY A 1 19.94 -25.28 -15.65
CA GLY A 1 20.02 -23.84 -15.84
C GLY A 1 21.43 -23.32 -16.06
N HIS A 2 21.58 -22.00 -15.99
CA HIS A 2 22.85 -21.34 -16.25
C HIS A 2 23.43 -20.69 -14.99
N MET A 3 22.87 -20.97 -13.82
CA MET A 3 23.34 -20.44 -12.55
C MET A 3 24.07 -21.54 -11.79
N PRO A 4 25.41 -21.53 -11.76
CA PRO A 4 26.16 -22.67 -11.19
C PRO A 4 25.74 -23.11 -9.80
N ASP A 5 25.40 -22.21 -8.88
CA ASP A 5 25.20 -22.59 -7.49
C ASP A 5 23.74 -22.77 -7.10
N LEU A 6 22.80 -22.68 -8.04
CA LEU A 6 21.41 -22.96 -7.75
C LEU A 6 21.10 -24.44 -7.95
N ALA A 7 20.35 -25.02 -7.03
CA ALA A 7 20.12 -26.47 -7.05
C ALA A 7 19.07 -26.88 -8.08
N ASP A 8 19.24 -28.12 -8.58
N ASP A 8 19.24 -28.12 -8.58
CA ASP A 8 18.28 -28.76 -9.48
CA ASP A 8 18.28 -28.76 -9.48
C ASP A 8 17.23 -29.44 -8.61
C ASP A 8 17.23 -29.44 -8.61
N LEU A 9 16.05 -28.83 -8.51
CA LEU A 9 14.99 -29.32 -7.65
C LEU A 9 14.02 -30.26 -8.36
N PHE A 10 14.31 -30.64 -9.60
CA PHE A 10 13.45 -31.53 -10.37
C PHE A 10 14.30 -32.64 -10.96
N PRO A 11 14.86 -33.51 -10.11
CA PRO A 11 15.76 -34.56 -10.63
C PRO A 11 15.05 -35.39 -11.69
N GLY A 12 15.72 -35.56 -12.83
CA GLY A 12 15.15 -36.27 -13.95
C GLY A 12 14.44 -35.42 -14.98
N PHE A 13 13.92 -34.25 -14.59
CA PHE A 13 13.23 -33.37 -15.54
C PHE A 13 14.21 -32.78 -16.55
N GLY A 14 13.77 -32.65 -17.79
CA GLY A 14 14.53 -31.91 -18.77
C GLY A 14 14.36 -30.42 -18.57
N SER A 15 15.02 -29.67 -19.46
CA SER A 15 14.98 -28.21 -19.47
C SER A 15 14.68 -27.75 -20.89
N GLU A 16 13.90 -26.67 -21.01
CA GLU A 16 13.57 -26.09 -22.30
C GLU A 16 13.65 -24.58 -22.21
N TRP A 17 14.24 -23.96 -23.22
CA TRP A 17 14.18 -22.52 -23.46
C TRP A 17 13.28 -22.33 -24.68
N ILE A 18 12.04 -21.90 -24.45
CA ILE A 18 11.01 -21.90 -25.50
C ILE A 18 10.92 -20.49 -26.07
N ASN A 19 11.14 -20.36 -27.38
CA ASN A 19 11.04 -19.06 -28.03
C ASN A 19 9.58 -18.69 -28.27
N THR A 20 9.27 -17.41 -28.04
CA THR A 20 7.99 -16.82 -28.41
C THR A 20 8.26 -15.44 -28.96
N SER A 21 7.25 -14.87 -29.62
CA SER A 21 7.37 -13.50 -30.11
C SER A 21 7.61 -12.50 -28.98
N SER A 22 7.24 -12.82 -27.75
CA SER A 22 7.42 -11.90 -26.64
C SER A 22 8.64 -12.22 -25.77
N GLY A 23 9.43 -13.21 -26.15
CA GLY A 23 10.61 -13.58 -25.38
C GLY A 23 10.58 -15.03 -24.95
N ARG A 24 11.72 -15.49 -24.46
CA ARG A 24 11.89 -16.90 -24.12
C ARG A 24 11.17 -17.22 -22.83
N ILE A 25 10.60 -18.42 -22.77
CA ILE A 25 10.02 -18.98 -21.56
C ILE A 25 10.91 -20.13 -21.13
N PHE A 26 11.41 -20.10 -19.90
CA PHE A 26 12.12 -21.26 -19.38
C PHE A 26 11.13 -22.23 -18.78
N ALA A 27 11.37 -23.53 -18.96
CA ALA A 27 10.54 -24.54 -18.33
C ALA A 27 11.37 -25.78 -17.99
N ARG A 28 10.99 -26.43 -16.90
CA ARG A 28 11.34 -27.83 -16.66
C ARG A 28 10.21 -28.70 -17.18
N VAL A 29 10.57 -29.84 -17.78
CA VAL A 29 9.63 -30.73 -18.44
C VAL A 29 9.91 -32.16 -17.99
N GLY A 30 8.88 -32.84 -17.50
CA GLY A 30 9.06 -34.22 -17.08
C GLY A 30 7.80 -35.03 -17.28
N GLY A 31 7.92 -36.34 -17.03
CA GLY A 31 6.77 -37.22 -17.11
C GLY A 31 6.35 -37.54 -18.54
N ASP A 32 5.12 -38.04 -18.65
CA ASP A 32 4.53 -38.49 -19.91
C ASP A 32 3.03 -38.65 -19.69
N GLY A 33 2.28 -38.56 -20.79
CA GLY A 33 0.84 -38.56 -20.72
C GLY A 33 0.25 -37.24 -21.17
N PRO A 34 -0.98 -36.95 -20.74
CA PRO A 34 -1.62 -35.70 -21.15
C PRO A 34 -0.83 -34.51 -20.67
N PRO A 35 -0.79 -33.43 -21.44
CA PRO A 35 0.06 -32.29 -21.06
C PRO A 35 -0.56 -31.44 -19.96
N LEU A 36 0.25 -31.10 -18.95
CA LEU A 36 -0.17 -30.26 -17.84
C LEU A 36 0.86 -29.16 -17.63
N LEU A 37 0.43 -27.91 -17.76
CA LEU A 37 1.28 -26.75 -17.54
C LEU A 37 1.05 -26.22 -16.14
N LEU A 38 2.14 -25.90 -15.44
CA LEU A 38 2.10 -25.38 -14.08
C LEU A 38 2.71 -23.99 -14.05
N LEU A 39 2.01 -23.04 -13.44
CA LEU A 39 2.41 -21.63 -13.44
C LEU A 39 2.51 -21.11 -12.02
N HIS A 40 3.71 -20.66 -11.64
CA HIS A 40 4.01 -20.07 -10.34
C HIS A 40 3.48 -18.63 -10.23
N GLY A 41 3.70 -18.01 -9.07
CA GLY A 41 3.36 -16.61 -8.83
C GLY A 41 4.44 -15.83 -8.08
N PHE A 42 4.03 -14.82 -7.33
CA PHE A 42 4.88 -13.83 -6.67
C PHE A 42 5.05 -14.16 -5.20
N PRO A 43 6.27 -14.04 -4.63
CA PRO A 43 7.52 -13.70 -5.32
C PRO A 43 8.37 -14.93 -5.57
N GLN A 44 7.90 -15.81 -6.44
CA GLN A 44 8.52 -17.12 -6.62
C GLN A 44 8.90 -17.33 -8.09
N THR A 45 9.33 -18.55 -8.38
CA THR A 45 9.69 -19.00 -9.72
C THR A 45 9.09 -20.40 -9.90
N HIS A 46 9.40 -21.04 -11.04
CA HIS A 46 8.88 -22.36 -11.33
C HIS A 46 9.23 -23.41 -10.27
N VAL A 47 10.30 -23.18 -9.49
CA VAL A 47 10.72 -24.19 -8.52
C VAL A 47 9.74 -24.37 -7.37
N MET A 48 8.75 -23.47 -7.21
CA MET A 48 7.74 -23.64 -6.16
C MET A 48 6.96 -24.94 -6.31
N TRP A 49 6.92 -25.51 -7.51
CA TRP A 49 6.22 -26.76 -7.75
C TRP A 49 7.09 -27.98 -7.48
N HIS A 50 8.29 -27.81 -6.92
CA HIS A 50 9.22 -28.94 -6.89
C HIS A 50 8.73 -30.07 -6.00
N ARG A 51 7.79 -29.83 -5.09
CA ARG A 51 7.33 -30.88 -4.20
C ARG A 51 6.09 -31.60 -4.72
N VAL A 52 5.40 -31.06 -5.71
CA VAL A 52 4.25 -31.74 -6.29
C VAL A 52 4.50 -32.22 -7.71
N ALA A 53 5.41 -31.60 -8.45
CA ALA A 53 5.60 -31.99 -9.84
C ALA A 53 6.04 -33.44 -10.03
N PRO A 54 6.92 -34.03 -9.20
CA PRO A 54 7.24 -35.46 -9.40
C PRO A 54 6.01 -36.35 -9.32
N LYS A 55 5.13 -36.09 -8.36
CA LYS A 55 3.91 -36.89 -8.25
C LYS A 55 3.03 -36.72 -9.48
N LEU A 56 2.88 -35.47 -9.95
CA LEU A 56 2.12 -35.23 -11.17
C LEU A 56 2.77 -35.91 -12.38
N ALA A 57 4.10 -35.96 -12.41
CA ALA A 57 4.81 -36.54 -13.56
C ALA A 57 4.60 -38.03 -13.67
N GLU A 58 4.07 -38.67 -12.62
CA GLU A 58 3.72 -40.08 -12.74
C GLU A 58 2.51 -40.29 -13.64
N ARG A 59 1.70 -39.25 -13.87
CA ARG A 59 0.49 -39.38 -14.67
C ARG A 59 0.40 -38.43 -15.85
N PHE A 60 1.21 -37.37 -15.90
CA PHE A 60 1.11 -36.35 -16.94
C PHE A 60 2.48 -36.00 -17.47
N LYS A 61 2.48 -35.47 -18.70
CA LYS A 61 3.60 -34.71 -19.23
C LYS A 61 3.52 -33.33 -18.57
N VAL A 62 4.46 -33.04 -17.67
CA VAL A 62 4.40 -31.85 -16.83
C VAL A 62 5.36 -30.80 -17.37
N ILE A 63 4.86 -29.58 -17.56
CA ILE A 63 5.65 -28.45 -18.04
C ILE A 63 5.58 -27.39 -16.94
N VAL A 64 6.71 -27.12 -16.29
CA VAL A 64 6.79 -26.18 -15.17
C VAL A 64 7.50 -24.93 -15.68
N ALA A 65 6.74 -23.89 -16.02
CA ALA A 65 7.25 -22.69 -16.70
C ALA A 65 7.47 -21.51 -15.76
N ASP A 66 8.55 -20.76 -16.01
CA ASP A 66 8.65 -19.43 -15.43
C ASP A 66 7.73 -18.48 -16.17
N LEU A 67 6.95 -17.68 -15.42
CA LEU A 67 6.10 -16.67 -16.03
C LEU A 67 6.93 -15.72 -16.88
N PRO A 68 6.33 -15.09 -17.89
CA PRO A 68 7.04 -14.04 -18.63
C PRO A 68 7.59 -13.01 -17.65
N GLY A 69 8.89 -12.71 -17.78
CA GLY A 69 9.53 -11.75 -16.90
C GLY A 69 10.05 -12.30 -15.58
N TYR A 70 9.74 -13.54 -15.22
CA TYR A 70 10.13 -14.10 -13.94
C TYR A 70 11.18 -15.20 -14.11
N GLY A 71 11.90 -15.49 -13.03
CA GLY A 71 12.83 -16.61 -13.03
C GLY A 71 13.92 -16.44 -14.07
N TRP A 72 13.96 -17.35 -15.05
CA TRP A 72 14.90 -17.25 -16.16
C TRP A 72 14.25 -16.95 -17.49
N SER A 73 12.93 -16.76 -17.52
CA SER A 73 12.28 -16.29 -18.74
C SER A 73 12.77 -14.89 -19.08
N ASP A 74 12.67 -14.54 -20.36
CA ASP A 74 13.08 -13.20 -20.77
C ASP A 74 12.19 -12.14 -20.11
N MET A 75 12.71 -10.91 -20.07
CA MET A 75 12.01 -9.76 -19.49
C MET A 75 11.74 -8.71 -20.56
N PRO A 76 10.62 -8.82 -21.27
CA PRO A 76 10.23 -7.76 -22.21
C PRO A 76 10.19 -6.38 -21.55
N GLU A 77 10.61 -5.37 -22.30
CA GLU A 77 10.42 -4.01 -21.86
C GLU A 77 8.94 -3.68 -21.76
N SER A 78 8.53 -3.05 -20.66
CA SER A 78 7.12 -2.76 -20.45
C SER A 78 6.74 -1.43 -21.13
N ASP A 79 5.51 -0.96 -20.88
CA ASP A 79 5.05 0.28 -21.48
C ASP A 79 4.06 0.96 -20.52
N GLU A 80 3.46 2.05 -20.99
CA GLU A 80 2.63 2.90 -20.14
C GLU A 80 1.41 2.15 -19.61
N GLN A 81 0.93 1.13 -20.33
CA GLN A 81 -0.19 0.31 -19.87
C GLN A 81 0.26 -1.02 -19.28
N HIS A 82 1.57 -1.17 -19.02
CA HIS A 82 2.11 -2.39 -18.43
C HIS A 82 1.78 -3.63 -19.26
N THR A 83 1.66 -3.46 -20.58
CA THR A 83 1.08 -4.49 -21.46
C THR A 83 1.70 -5.88 -21.31
N PRO A 84 3.02 -6.09 -21.43
CA PRO A 84 3.55 -7.46 -21.43
C PRO A 84 3.34 -8.20 -20.12
N TYR A 85 3.03 -7.49 -19.04
CA TYR A 85 2.83 -8.14 -17.77
C TYR A 85 1.37 -8.14 -17.35
N THR A 86 0.47 -7.75 -18.24
CA THR A 86 -0.95 -8.04 -18.06
C THR A 86 -1.18 -9.54 -18.18
N LYS A 87 -2.20 -10.02 -17.49
CA LYS A 87 -2.48 -11.45 -17.58
C LYS A 87 -2.92 -11.84 -19.00
N ARG A 88 -3.57 -10.92 -19.72
CA ARG A 88 -3.99 -11.19 -21.10
C ARG A 88 -2.78 -11.44 -21.99
N ALA A 89 -1.78 -10.56 -21.90
CA ALA A 89 -0.56 -10.73 -22.69
C ALA A 89 0.23 -11.95 -22.24
N MET A 90 0.37 -12.14 -20.91
CA MET A 90 1.09 -13.32 -20.43
C MET A 90 0.47 -14.60 -20.96
N ALA A 91 -0.87 -14.66 -20.99
CA ALA A 91 -1.53 -15.88 -21.44
C ALA A 91 -1.27 -16.13 -22.92
N LYS A 92 -1.35 -15.07 -23.73
CA LYS A 92 -1.05 -15.18 -25.15
C LYS A 92 0.35 -15.72 -25.37
N GLN A 93 1.32 -15.19 -24.62
CA GLN A 93 2.70 -15.63 -24.73
C GLN A 93 2.84 -17.09 -24.35
N LEU A 94 2.19 -17.52 -23.27
CA LEU A 94 2.33 -18.91 -22.87
C LEU A 94 1.56 -19.84 -23.80
N ILE A 95 0.48 -19.37 -24.43
CA ILE A 95 -0.16 -20.15 -25.48
C ILE A 95 0.82 -20.37 -26.63
N GLU A 96 1.51 -19.30 -27.04
CA GLU A 96 2.56 -19.41 -28.05
C GLU A 96 3.63 -20.41 -27.63
N ALA A 97 4.09 -20.35 -26.37
CA ALA A 97 5.12 -21.28 -25.90
C ALA A 97 4.62 -22.71 -26.01
N MET A 98 3.39 -22.97 -25.57
CA MET A 98 2.87 -24.34 -25.64
C MET A 98 2.73 -24.82 -27.09
N GLU A 99 2.39 -23.93 -28.03
CA GLU A 99 2.34 -24.38 -29.43
C GLU A 99 3.71 -24.83 -29.92
N GLN A 100 4.79 -24.21 -29.42
CA GLN A 100 6.13 -24.63 -29.81
C GLN A 100 6.40 -26.07 -29.45
N LEU A 101 5.80 -26.55 -28.37
CA LEU A 101 5.91 -27.93 -27.94
C LEU A 101 4.87 -28.83 -28.60
N GLY A 102 3.99 -28.26 -29.41
CA GLY A 102 2.89 -29.01 -30.00
C GLY A 102 1.69 -29.20 -29.10
N HIS A 103 1.51 -28.37 -28.08
CA HIS A 103 0.34 -28.44 -27.20
C HIS A 103 -0.61 -27.30 -27.54
N VAL A 104 -1.69 -27.62 -28.24
CA VAL A 104 -2.77 -26.67 -28.55
C VAL A 104 -3.99 -26.87 -27.66
N HIS A 105 -4.01 -27.92 -26.84
CA HIS A 105 -5.10 -28.18 -25.91
C HIS A 105 -4.45 -28.87 -24.72
N PHE A 106 -4.57 -28.30 -23.53
CA PHE A 106 -3.78 -28.80 -22.42
C PHE A 106 -4.50 -28.51 -21.10
N ALA A 107 -4.02 -29.17 -20.04
CA ALA A 107 -4.46 -28.91 -18.69
C ALA A 107 -3.57 -27.85 -18.06
N LEU A 108 -4.13 -27.09 -17.12
CA LEU A 108 -3.44 -25.91 -16.58
C LEU A 108 -3.70 -25.75 -15.09
N ALA A 109 -2.63 -25.60 -14.32
CA ALA A 109 -2.75 -25.31 -12.89
C ALA A 109 -1.87 -24.09 -12.59
N GLY A 110 -2.43 -23.10 -11.90
CA GLY A 110 -1.70 -21.90 -11.57
C GLY A 110 -1.87 -21.52 -10.11
N HIS A 111 -0.88 -20.77 -9.61
CA HIS A 111 -0.89 -20.30 -8.24
C HIS A 111 -0.56 -18.81 -8.21
N ASP A 112 -1.31 -18.03 -7.43
CA ASP A 112 -1.01 -16.60 -7.23
C ASP A 112 -1.05 -15.93 -8.61
N ARG A 113 -0.01 -15.20 -9.04
CA ARG A 113 -0.07 -14.52 -10.33
C ARG A 113 -0.29 -15.50 -11.47
N GLY A 114 0.31 -16.69 -11.37
CA GLY A 114 0.14 -17.71 -12.40
C GLY A 114 -1.29 -18.21 -12.51
N ALA A 115 -2.01 -18.24 -11.38
CA ALA A 115 -3.44 -18.56 -11.43
C ALA A 115 -4.23 -17.45 -12.10
N ARG A 116 -3.78 -16.20 -11.98
CA ARG A 116 -4.45 -15.10 -12.66
C ARG A 116 -4.21 -15.17 -14.17
N VAL A 117 -2.97 -15.43 -14.61
CA VAL A 117 -2.74 -15.76 -16.01
C VAL A 117 -3.69 -16.87 -16.45
N SER A 118 -3.90 -17.86 -15.56
CA SER A 118 -4.62 -19.07 -15.97
C SER A 118 -6.11 -18.81 -16.19
N TYR A 119 -6.78 -18.11 -15.26
CA TYR A 119 -8.20 -17.86 -15.53
C TYR A 119 -8.38 -16.82 -16.64
N ARG A 120 -7.44 -15.88 -16.77
CA ARG A 120 -7.52 -14.96 -17.90
C ARG A 120 -7.36 -15.73 -19.21
N LEU A 121 -6.46 -16.72 -19.23
CA LEU A 121 -6.34 -17.58 -20.41
C LEU A 121 -7.67 -18.27 -20.71
N ALA A 122 -8.36 -18.76 -19.67
CA ALA A 122 -9.62 -19.46 -19.90
C ALA A 122 -10.70 -18.52 -20.39
N LEU A 123 -10.72 -17.27 -19.93
CA LEU A 123 -11.70 -16.32 -20.41
C LEU A 123 -11.44 -15.93 -21.87
N ASP A 124 -10.17 -15.70 -22.24
CA ASP A 124 -9.86 -15.23 -23.59
C ASP A 124 -9.82 -16.36 -24.60
N SER A 125 -9.33 -17.53 -24.21
CA SER A 125 -9.05 -18.62 -25.16
C SER A 125 -9.44 -19.95 -24.54
N PRO A 126 -10.74 -20.16 -24.28
CA PRO A 126 -11.16 -21.39 -23.59
C PRO A 126 -10.86 -22.66 -24.36
N GLY A 127 -10.87 -22.61 -25.69
CA GLY A 127 -10.57 -23.79 -26.48
C GLY A 127 -9.19 -24.37 -26.22
N ARG A 128 -8.28 -23.59 -25.61
CA ARG A 128 -6.92 -24.07 -25.33
C ARG A 128 -6.86 -25.02 -24.14
N LEU A 129 -7.88 -25.04 -23.29
CA LEU A 129 -7.81 -25.70 -22.00
C LEU A 129 -8.79 -26.86 -21.93
N SER A 130 -8.30 -28.02 -21.49
CA SER A 130 -9.17 -29.14 -21.13
C SER A 130 -9.72 -28.97 -19.73
N LYS A 131 -8.87 -28.57 -18.79
CA LYS A 131 -9.26 -28.34 -17.40
C LYS A 131 -8.34 -27.29 -16.80
N LEU A 132 -8.85 -26.60 -15.78
CA LEU A 132 -8.14 -25.48 -15.16
C LEU A 132 -8.23 -25.58 -13.64
N ALA A 133 -7.10 -25.34 -12.97
CA ALA A 133 -7.06 -25.25 -11.52
C ALA A 133 -6.40 -23.93 -11.12
N VAL A 134 -7.01 -23.24 -10.15
CA VAL A 134 -6.46 -22.00 -9.60
C VAL A 134 -6.24 -22.20 -8.10
N LEU A 135 -5.05 -21.84 -7.63
CA LEU A 135 -4.65 -22.09 -6.24
C LEU A 135 -4.53 -20.76 -5.49
N ASP A 136 -5.32 -20.65 -4.42
CA ASP A 136 -5.33 -19.56 -3.44
C ASP A 136 -5.49 -18.19 -4.05
N ILE A 137 -6.44 -18.05 -4.99
CA ILE A 137 -6.81 -16.75 -5.53
C ILE A 137 -8.32 -16.62 -5.68
N LEU A 138 -8.77 -15.37 -5.69
CA LEU A 138 -10.01 -14.95 -6.30
C LEU A 138 -9.68 -14.13 -7.54
N PRO A 139 -10.64 -13.90 -8.44
CA PRO A 139 -10.38 -13.01 -9.58
C PRO A 139 -9.87 -11.66 -9.08
N THR A 140 -8.97 -11.06 -9.88
CA THR A 140 -8.45 -9.73 -9.56
C THR A 140 -9.58 -8.71 -9.33
N TYR A 141 -10.65 -8.78 -10.13
CA TYR A 141 -11.78 -7.88 -9.90
C TYR A 141 -12.36 -8.05 -8.51
N GLU A 142 -12.45 -9.30 -8.03
CA GLU A 142 -13.07 -9.57 -6.75
C GLU A 142 -12.22 -9.05 -5.60
N TYR A 143 -10.89 -9.14 -5.70
CA TYR A 143 -10.04 -8.55 -4.69
C TYR A 143 -10.32 -7.05 -4.55
N TRP A 144 -10.38 -6.35 -5.68
CA TRP A 144 -10.51 -4.90 -5.63
C TRP A 144 -11.91 -4.49 -5.16
N GLN A 145 -12.94 -5.25 -5.54
CA GLN A 145 -14.29 -4.90 -5.12
C GLN A 145 -14.45 -5.02 -3.62
N ARG A 146 -13.71 -5.92 -2.99
CA ARG A 146 -13.74 -6.08 -1.54
C ARG A 146 -12.91 -5.04 -0.82
N MET A 147 -12.30 -4.10 -1.54
CA MET A 147 -11.40 -3.16 -0.88
C MET A 147 -12.17 -2.32 0.13
N ASN A 148 -11.65 -2.31 1.35
CA ASN A 148 -12.12 -1.45 2.42
C ASN A 148 -10.94 -1.29 3.37
N ARG A 149 -11.16 -0.64 4.51
CA ARG A 149 -10.08 -0.42 5.46
C ARG A 149 -9.42 -1.74 5.87
N ALA A 150 -10.23 -2.74 6.22
CA ALA A 150 -9.66 -3.99 6.69
C ALA A 150 -8.90 -4.71 5.59
N TYR A 151 -9.46 -4.75 4.38
CA TYR A 151 -8.76 -5.38 3.27
C TYR A 151 -7.48 -4.62 2.91
N ALA A 152 -7.53 -3.29 2.92
CA ALA A 152 -6.36 -2.50 2.55
C ALA A 152 -5.21 -2.69 3.52
N LEU A 153 -5.51 -2.90 4.79
CA LEU A 153 -4.46 -3.13 5.78
C LEU A 153 -3.96 -4.57 5.76
N LYS A 154 -4.81 -5.51 5.36
CA LYS A 154 -4.43 -6.92 5.47
C LYS A 154 -3.65 -7.39 4.25
N ILE A 155 -3.88 -6.78 3.08
CA ILE A 155 -3.23 -7.20 1.85
C ILE A 155 -2.73 -5.93 1.15
N TYR A 156 -1.81 -5.21 1.82
CA TYR A 156 -1.42 -3.87 1.40
C TYR A 156 -0.64 -3.87 0.09
N HIS A 157 0.05 -4.98 -0.24
CA HIS A 157 1.06 -4.92 -1.30
C HIS A 157 0.45 -4.73 -2.67
N TRP A 158 -0.85 -5.01 -2.84
CA TRP A 158 -1.46 -4.76 -4.14
C TRP A 158 -1.44 -3.27 -4.50
N SER A 159 -1.70 -2.39 -3.52
CA SER A 159 -1.69 -0.97 -3.81
C SER A 159 -0.29 -0.38 -3.74
N PHE A 160 0.57 -0.92 -2.87
CA PHE A 160 1.95 -0.47 -2.76
C PHE A 160 2.74 -0.73 -4.05
N LEU A 161 2.76 -2.00 -4.49
CA LEU A 161 3.57 -2.35 -5.66
C LEU A 161 3.01 -1.77 -6.94
N ALA A 162 1.74 -1.34 -6.95
CA ALA A 162 1.15 -0.70 -8.11
C ALA A 162 1.43 0.80 -8.18
N GLN A 163 2.12 1.36 -7.19
CA GLN A 163 2.42 2.79 -7.22
C GLN A 163 3.32 3.08 -8.43
N PRO A 164 3.24 4.28 -8.98
CA PRO A 164 4.06 4.61 -10.16
C PRO A 164 5.56 4.40 -9.92
N ALA A 165 6.23 3.86 -10.93
CA ALA A 165 7.69 3.76 -10.91
C ALA A 165 8.29 5.16 -10.72
N PRO A 166 9.42 5.27 -10.01
CA PRO A 166 10.21 4.20 -9.40
C PRO A 166 9.98 4.02 -7.89
N LEU A 167 8.79 4.35 -7.37
CA LEU A 167 8.61 4.32 -5.92
C LEU A 167 8.77 2.91 -5.34
N PRO A 168 8.00 1.89 -5.75
CA PRO A 168 8.28 0.56 -5.20
C PRO A 168 9.66 0.03 -5.57
N GLU A 169 10.13 0.26 -6.80
CA GLU A 169 11.45 -0.22 -7.18
C GLU A 169 12.51 0.30 -6.21
N ASN A 170 12.47 1.61 -5.92
N ASN A 170 12.44 1.58 -5.87
CA ASN A 170 13.46 2.22 -5.03
CA ASN A 170 13.50 2.15 -5.05
C ASN A 170 13.38 1.62 -3.64
C ASN A 170 13.39 1.71 -3.59
N LEU A 171 12.17 1.47 -3.11
CA LEU A 171 12.01 0.96 -1.76
C LEU A 171 12.46 -0.50 -1.65
N LEU A 172 12.14 -1.33 -2.64
CA LEU A 172 12.53 -2.75 -2.59
C LEU A 172 14.03 -2.94 -2.80
N GLY A 173 14.67 -2.02 -3.51
CA GLY A 173 16.08 -2.18 -3.83
C GLY A 173 17.05 -1.89 -2.70
N GLY A 174 16.58 -1.31 -1.59
CA GLY A 174 17.51 -1.00 -0.50
C GLY A 174 17.92 -2.25 0.26
N ASP A 175 17.02 -3.20 0.39
CA ASP A 175 17.27 -4.43 1.17
C ASP A 175 16.39 -5.54 0.59
N PRO A 176 16.65 -5.93 -0.66
CA PRO A 176 15.76 -6.91 -1.32
C PRO A 176 15.63 -8.23 -0.56
N ASP A 177 16.71 -8.75 0.01
CA ASP A 177 16.62 -10.02 0.73
C ASP A 177 15.56 -9.94 1.83
N PHE A 178 15.53 -8.83 2.57
CA PHE A 178 14.58 -8.74 3.69
C PHE A 178 13.15 -8.76 3.17
N TYR A 179 12.88 -8.06 2.07
CA TYR A 179 11.52 -7.98 1.56
C TYR A 179 11.03 -9.34 1.08
N VAL A 180 11.84 -10.01 0.24
CA VAL A 180 11.36 -11.26 -0.35
C VAL A 180 11.19 -12.33 0.72
N LYS A 181 12.11 -12.40 1.69
CA LYS A 181 11.93 -13.34 2.78
C LYS A 181 10.73 -12.97 3.66
N ALA A 182 10.53 -11.67 3.90
CA ALA A 182 9.38 -11.23 4.70
C ALA A 182 8.07 -11.63 4.03
N LYS A 183 7.98 -11.47 2.72
CA LYS A 183 6.76 -11.83 2.00
C LYS A 183 6.55 -13.34 2.01
N LEU A 184 7.62 -14.11 1.81
CA LEU A 184 7.49 -15.55 1.84
C LEU A 184 6.99 -16.02 3.21
N ALA A 185 7.60 -15.53 4.28
CA ALA A 185 7.23 -16.00 5.61
C ALA A 185 5.82 -15.55 6.00
N SER A 186 5.46 -14.30 5.66
CA SER A 186 4.26 -13.70 6.25
C SER A 186 2.97 -14.34 5.77
N TRP A 187 2.97 -15.03 4.63
N TRP A 187 2.94 -15.02 4.63
CA TRP A 187 1.78 -15.63 4.05
CA TRP A 187 1.70 -15.62 4.15
C TRP A 187 1.65 -17.11 4.37
C TRP A 187 1.71 -17.15 4.24
N THR A 188 2.65 -17.72 4.97
CA THR A 188 2.52 -19.12 5.36
C THR A 188 1.65 -19.21 6.60
N ARG A 189 1.15 -20.43 6.87
CA ARG A 189 0.36 -20.66 8.09
C ARG A 189 1.14 -20.23 9.33
N ALA A 190 2.38 -20.70 9.46
CA ALA A 190 3.16 -20.45 10.68
C ALA A 190 3.77 -19.05 10.71
N GLY A 191 3.83 -18.35 9.59
CA GLY A 191 4.42 -17.02 9.61
C GLY A 191 5.93 -16.99 9.61
N ASP A 192 6.59 -18.08 9.23
CA ASP A 192 8.04 -18.10 9.11
C ASP A 192 8.40 -18.85 7.82
N LEU A 193 9.69 -19.17 7.66
CA LEU A 193 10.18 -19.83 6.45
C LEU A 193 10.22 -21.35 6.57
N SER A 194 9.63 -21.95 7.61
CA SER A 194 9.82 -23.38 7.81
C SER A 194 9.17 -24.24 6.74
N ALA A 195 8.16 -23.73 6.03
CA ALA A 195 7.48 -24.53 5.02
C ALA A 195 8.30 -24.70 3.75
N PHE A 196 9.35 -23.90 3.54
CA PHE A 196 10.08 -23.90 2.28
C PHE A 196 11.38 -24.67 2.39
N ASP A 197 11.70 -25.41 1.35
CA ASP A 197 13.06 -25.94 1.19
C ASP A 197 14.03 -24.78 1.09
N PRO A 198 15.07 -24.70 1.93
CA PRO A 198 16.01 -23.58 1.84
C PRO A 198 16.60 -23.39 0.44
N ARG A 199 16.78 -24.47 -0.32
CA ARG A 199 17.30 -24.34 -1.66
C ARG A 199 16.31 -23.63 -2.59
N ALA A 200 15.01 -23.84 -2.38
CA ALA A 200 14.01 -23.09 -3.15
C ALA A 200 14.04 -21.61 -2.77
N VAL A 201 14.17 -21.32 -1.46
CA VAL A 201 14.27 -19.93 -1.02
C VAL A 201 15.42 -19.22 -1.71
N GLU A 202 16.56 -19.91 -1.87
CA GLU A 202 17.69 -19.28 -2.54
C GLU A 202 17.36 -18.95 -3.99
N HIS A 203 16.64 -19.84 -4.69
CA HIS A 203 16.11 -19.49 -6.01
C HIS A 203 15.30 -18.18 -5.95
N TYR A 204 14.37 -18.09 -4.99
CA TYR A 204 13.52 -16.90 -4.90
C TYR A 204 14.35 -15.67 -4.57
N ARG A 205 15.33 -15.81 -3.69
CA ARG A 205 16.15 -14.67 -3.28
C ARG A 205 17.02 -14.18 -4.43
N ILE A 206 17.61 -15.10 -5.19
CA ILE A 206 18.49 -14.71 -6.29
C ILE A 206 17.68 -14.01 -7.38
N ALA A 207 16.46 -14.49 -7.66
CA ALA A 207 15.60 -13.80 -8.60
C ALA A 207 15.30 -12.38 -8.11
N PHE A 208 14.86 -12.26 -6.85
CA PHE A 208 14.50 -10.97 -6.28
C PHE A 208 15.70 -10.03 -6.17
N ALA A 209 16.91 -10.57 -6.14
CA ALA A 209 18.10 -9.71 -6.06
C ALA A 209 18.37 -8.95 -7.35
N ASP A 210 17.69 -9.28 -8.45
CA ASP A 210 17.90 -8.60 -9.74
C ASP A 210 16.92 -7.42 -9.84
N PRO A 211 17.39 -6.18 -9.98
CA PRO A 211 16.44 -5.06 -10.06
C PRO A 211 15.50 -5.17 -11.26
N MET A 212 15.95 -5.79 -12.37
CA MET A 212 15.06 -5.96 -13.50
C MET A 212 13.94 -6.95 -13.17
N ARG A 213 14.24 -7.99 -12.40
CA ARG A 213 13.19 -8.90 -11.95
C ARG A 213 12.21 -8.21 -11.01
N ARG A 214 12.71 -7.38 -10.10
CA ARG A 214 11.80 -6.64 -9.21
C ARG A 214 10.92 -5.67 -10.00
N HIS A 215 11.50 -4.98 -10.99
CA HIS A 215 10.69 -4.08 -11.81
C HIS A 215 9.56 -4.83 -12.50
N VAL A 216 9.85 -6.01 -13.07
CA VAL A 216 8.81 -6.83 -13.69
C VAL A 216 7.68 -7.13 -12.70
N MET A 217 8.04 -7.47 -11.46
CA MET A 217 7.03 -7.76 -10.45
C MET A 217 6.14 -6.55 -10.18
N CYS A 218 6.75 -5.36 -10.10
CA CYS A 218 5.93 -4.15 -9.93
C CYS A 218 5.03 -3.92 -11.16
N GLU A 219 5.55 -4.17 -12.36
CA GLU A 219 4.72 -4.05 -13.55
C GLU A 219 3.55 -5.04 -13.51
N ASP A 220 3.80 -6.25 -13.02
CA ASP A 220 2.75 -7.25 -12.80
C ASP A 220 1.64 -6.70 -11.91
N PHE A 221 2.02 -6.09 -10.80
CA PHE A 221 1.01 -5.54 -9.89
C PHE A 221 0.38 -4.26 -10.43
N ARG A 222 1.13 -3.47 -11.20
CA ARG A 222 0.52 -2.33 -11.88
C ARG A 222 -0.56 -2.79 -12.85
N ALA A 223 -0.25 -3.76 -13.71
CA ALA A 223 -1.30 -4.33 -14.54
C ALA A 223 -2.45 -4.87 -13.69
N GLY A 224 -2.15 -5.45 -12.53
CA GLY A 224 -3.20 -5.98 -11.67
C GLY A 224 -4.12 -4.92 -11.09
N ALA A 225 -3.63 -3.69 -10.93
CA ALA A 225 -4.45 -2.58 -10.47
C ALA A 225 -5.22 -1.91 -11.61
N TYR A 226 -4.75 -2.05 -12.84
CA TYR A 226 -5.31 -1.28 -13.96
C TYR A 226 -5.88 -2.20 -15.04
N ALA A 227 -5.10 -2.53 -16.08
CA ALA A 227 -5.61 -3.32 -17.21
C ALA A 227 -6.27 -4.64 -16.77
N ASP A 228 -5.57 -5.45 -15.96
CA ASP A 228 -6.17 -6.71 -15.50
C ASP A 228 -7.52 -6.48 -14.85
N PHE A 229 -7.61 -5.43 -14.01
CA PHE A 229 -8.87 -5.11 -13.38
C PHE A 229 -9.92 -4.73 -14.41
N GLU A 230 -9.54 -3.89 -15.38
CA GLU A 230 -10.49 -3.49 -16.42
C GLU A 230 -10.92 -4.69 -17.27
N HIS A 231 -9.98 -5.60 -17.56
CA HIS A 231 -10.33 -6.79 -18.33
C HIS A 231 -11.34 -7.64 -17.57
N ASP A 232 -11.07 -7.87 -16.28
CA ASP A 232 -11.97 -8.69 -15.46
C ASP A 232 -13.34 -8.05 -15.34
N LYS A 233 -13.39 -6.74 -15.12
CA LYS A 233 -14.67 -6.05 -14.96
C LYS A 233 -15.55 -6.23 -16.18
N ILE A 234 -14.95 -6.17 -17.38
CA ILE A 234 -15.74 -6.37 -18.59
C ILE A 234 -16.40 -7.75 -18.56
N ASP A 235 -15.68 -8.77 -18.09
CA ASP A 235 -16.23 -10.12 -18.12
C ASP A 235 -17.34 -10.30 -17.10
N VAL A 236 -17.11 -9.88 -15.86
CA VAL A 236 -18.12 -10.09 -14.83
C VAL A 236 -19.37 -9.26 -15.12
N GLU A 237 -19.21 -8.05 -15.66
CA GLU A 237 -20.39 -7.25 -15.93
C GLU A 237 -21.16 -7.76 -17.15
N ALA A 238 -20.50 -8.46 -18.07
CA ALA A 238 -21.20 -9.11 -19.16
C ALA A 238 -21.71 -10.49 -18.79
N GLY A 239 -21.43 -10.99 -17.59
CA GLY A 239 -21.84 -12.32 -17.21
C GLY A 239 -21.13 -13.44 -17.95
N ASN A 240 -19.90 -13.21 -18.41
CA ASN A 240 -19.12 -14.24 -19.08
C ASN A 240 -18.56 -15.20 -18.03
N LYS A 241 -18.86 -16.48 -18.16
CA LYS A 241 -18.36 -17.50 -17.24
C LYS A 241 -17.40 -18.44 -17.97
N ILE A 242 -16.35 -18.85 -17.28
CA ILE A 242 -15.40 -19.82 -17.82
C ILE A 242 -16.13 -21.14 -17.99
N PRO A 243 -16.15 -21.73 -19.20
CA PRO A 243 -16.87 -22.99 -19.40
C PRO A 243 -16.03 -24.22 -19.11
N VAL A 244 -14.70 -24.03 -19.10
CA VAL A 244 -13.77 -25.13 -18.87
C VAL A 244 -13.99 -25.71 -17.47
N PRO A 245 -14.05 -27.03 -17.32
CA PRO A 245 -14.13 -27.61 -15.98
C PRO A 245 -13.00 -27.10 -15.10
N MET A 246 -13.35 -26.68 -13.90
CA MET A 246 -12.46 -25.86 -13.08
C MET A 246 -12.40 -26.40 -11.66
N LEU A 247 -11.23 -26.23 -11.04
CA LEU A 247 -11.04 -26.54 -9.63
C LEU A 247 -10.46 -25.31 -8.94
N ALA A 248 -11.06 -24.90 -7.82
CA ALA A 248 -10.51 -23.84 -6.98
C ALA A 248 -9.99 -24.47 -5.70
N LEU A 249 -8.68 -24.37 -5.45
CA LEU A 249 -8.07 -24.82 -4.20
C LEU A 249 -7.51 -23.60 -3.48
N TRP A 250 -7.82 -23.45 -2.21
CA TRP A 250 -7.28 -22.33 -1.44
C TRP A 250 -6.85 -22.77 -0.05
N GLY A 251 -5.91 -22.03 0.53
CA GLY A 251 -5.51 -22.30 1.91
C GLY A 251 -6.50 -21.71 2.91
N ALA A 252 -6.78 -22.50 3.95
CA ALA A 252 -7.68 -22.03 5.00
C ALA A 252 -7.19 -20.73 5.63
N SER A 253 -5.87 -20.51 5.66
CA SER A 253 -5.28 -19.28 6.18
C SER A 253 -4.61 -18.45 5.07
N GLY A 254 -5.02 -18.66 3.81
CA GLY A 254 -4.41 -17.98 2.70
C GLY A 254 -5.02 -16.62 2.43
N ILE A 255 -4.69 -16.09 1.25
CA ILE A 255 -5.13 -14.75 0.87
C ILE A 255 -6.57 -14.76 0.36
N ALA A 256 -6.92 -15.71 -0.51
CA ALA A 256 -8.21 -15.67 -1.20
C ALA A 256 -9.38 -15.71 -0.21
N GLN A 257 -9.21 -16.39 0.91
CA GLN A 257 -10.30 -16.52 1.87
C GLN A 257 -10.41 -15.33 2.82
N SER A 258 -9.58 -14.29 2.65
CA SER A 258 -9.48 -13.21 3.63
C SER A 258 -10.85 -12.67 4.01
N ALA A 259 -11.65 -12.30 3.02
CA ALA A 259 -12.98 -11.75 3.26
C ALA A 259 -13.95 -12.26 2.18
N ALA A 260 -13.98 -13.58 1.99
CA ALA A 260 -14.80 -14.15 0.93
C ALA A 260 -14.87 -15.66 1.10
N THR A 261 -15.93 -16.25 0.54
CA THR A 261 -16.11 -17.69 0.47
C THR A 261 -15.72 -18.14 -0.93
N PRO A 262 -14.52 -18.69 -1.14
CA PRO A 262 -13.96 -18.73 -2.51
C PRO A 262 -14.79 -19.50 -3.51
N LEU A 263 -15.38 -20.63 -3.13
CA LEU A 263 -16.16 -21.40 -4.10
C LEU A 263 -17.38 -20.63 -4.58
N ASP A 264 -18.05 -19.92 -3.66
CA ASP A 264 -19.18 -19.09 -4.07
C ASP A 264 -18.73 -18.01 -5.06
N VAL A 265 -17.54 -17.45 -4.84
CA VAL A 265 -17.04 -16.45 -5.77
C VAL A 265 -16.77 -17.07 -7.13
N TRP A 266 -16.12 -18.22 -7.14
CA TRP A 266 -15.77 -18.80 -8.44
C TRP A 266 -17.00 -19.29 -9.19
N ARG A 267 -18.07 -19.69 -8.49
CA ARG A 267 -19.32 -20.04 -9.17
C ARG A 267 -19.89 -18.86 -9.94
N LYS A 268 -19.57 -17.63 -9.53
N LYS A 268 -19.58 -17.63 -9.52
CA LYS A 268 -19.98 -16.47 -10.31
CA LYS A 268 -19.96 -16.44 -10.28
C LYS A 268 -19.19 -16.37 -11.61
C LYS A 268 -19.14 -16.28 -11.56
N TRP A 269 -17.97 -16.91 -11.64
CA TRP A 269 -17.05 -16.73 -12.77
C TRP A 269 -16.93 -17.97 -13.66
N ALA A 270 -17.52 -19.09 -13.29
CA ALA A 270 -17.27 -20.35 -13.97
C ALA A 270 -18.51 -21.22 -13.86
N SER A 271 -18.88 -21.88 -14.95
CA SER A 271 -20.12 -22.66 -14.95
C SER A 271 -19.93 -24.12 -14.58
N ASP A 272 -18.69 -24.57 -14.36
CA ASP A 272 -18.44 -25.98 -14.02
C ASP A 272 -17.23 -26.00 -13.09
N VAL A 273 -17.45 -25.60 -11.85
CA VAL A 273 -16.36 -25.38 -10.91
C VAL A 273 -16.60 -26.20 -9.64
N GLN A 274 -15.55 -26.83 -9.16
CA GLN A 274 -15.54 -27.47 -7.86
C GLN A 274 -14.40 -26.88 -7.05
N GLY A 275 -14.42 -27.09 -5.76
CA GLY A 275 -13.41 -26.44 -4.93
C GLY A 275 -13.34 -27.03 -3.55
N ALA A 276 -12.21 -26.75 -2.89
CA ALA A 276 -11.98 -27.22 -1.53
C ALA A 276 -10.93 -26.35 -0.87
N PRO A 277 -11.06 -26.05 0.42
CA PRO A 277 -9.91 -25.53 1.18
C PRO A 277 -8.94 -26.65 1.53
N ILE A 278 -7.72 -26.23 1.84
CA ILE A 278 -6.70 -27.10 2.42
C ILE A 278 -6.10 -26.36 3.60
N GLU A 279 -5.88 -27.06 4.72
CA GLU A 279 -5.29 -26.42 5.89
C GLU A 279 -3.86 -26.02 5.57
N SER A 280 -3.66 -24.73 5.32
CA SER A 280 -2.40 -24.19 4.82
C SER A 280 -2.52 -22.68 4.76
N GLY A 281 -1.36 -22.01 4.71
CA GLY A 281 -1.30 -20.63 4.29
C GLY A 281 -1.43 -20.52 2.78
N HIS A 282 -0.86 -19.44 2.25
CA HIS A 282 -0.99 -19.11 0.82
C HIS A 282 -0.26 -20.11 -0.08
N PHE A 283 0.86 -20.67 0.38
CA PHE A 283 1.79 -21.37 -0.51
C PHE A 283 1.48 -22.87 -0.53
N LEU A 284 0.29 -23.17 -1.06
CA LEU A 284 -0.24 -24.54 -1.03
C LEU A 284 0.76 -25.61 -1.47
N PRO A 285 1.44 -25.50 -2.62
CA PRO A 285 2.28 -26.63 -3.07
C PRO A 285 3.53 -26.83 -2.24
N GLU A 286 3.92 -25.87 -1.40
CA GLU A 286 5.04 -26.09 -0.50
C GLU A 286 4.62 -26.33 0.93
N GLU A 287 3.54 -25.70 1.37
CA GLU A 287 3.05 -25.88 2.74
C GLU A 287 2.30 -27.20 2.90
N ALA A 288 1.54 -27.61 1.88
CA ALA A 288 0.77 -28.85 1.91
C ALA A 288 0.98 -29.61 0.61
N PRO A 289 2.20 -30.10 0.37
CA PRO A 289 2.50 -30.70 -0.94
C PRO A 289 1.71 -31.96 -1.26
N ASP A 290 1.53 -32.85 -0.28
CA ASP A 290 0.86 -34.11 -0.58
C ASP A 290 -0.62 -33.89 -0.89
N GLN A 291 -1.29 -33.07 -0.08
CA GLN A 291 -2.71 -32.83 -0.32
C GLN A 291 -2.94 -32.08 -1.62
N THR A 292 -2.08 -31.10 -1.92
CA THR A 292 -2.20 -30.38 -3.19
C THR A 292 -1.98 -31.32 -4.38
N ALA A 293 -0.90 -32.10 -4.33
CA ALA A 293 -0.61 -33.02 -5.42
C ALA A 293 -1.77 -33.99 -5.63
N GLU A 294 -2.35 -34.51 -4.54
CA GLU A 294 -3.45 -35.45 -4.70
C GLU A 294 -4.68 -34.78 -5.27
N ALA A 295 -5.00 -33.57 -4.79
CA ALA A 295 -6.17 -32.88 -5.33
C ALA A 295 -6.01 -32.64 -6.83
N LEU A 296 -4.80 -32.25 -7.26
CA LEU A 296 -4.55 -31.99 -8.67
C LEU A 296 -4.56 -33.27 -9.48
N VAL A 297 -3.93 -34.34 -8.98
CA VAL A 297 -3.95 -35.62 -9.68
C VAL A 297 -5.40 -36.09 -9.88
N ARG A 298 -6.21 -36.04 -8.82
CA ARG A 298 -7.59 -36.53 -8.95
C ARG A 298 -8.42 -35.63 -9.85
N PHE A 299 -8.23 -34.32 -9.76
CA PHE A 299 -9.01 -33.44 -10.63
C PHE A 299 -8.62 -33.65 -12.09
N PHE A 300 -7.33 -33.60 -12.41
CA PHE A 300 -6.93 -33.68 -13.82
C PHE A 300 -7.09 -35.09 -14.38
N SER A 301 -7.13 -36.12 -13.52
CA SER A 301 -7.30 -37.50 -13.97
C SER A 301 -8.76 -37.89 -14.16
N ALA A 302 -9.69 -37.18 -13.54
CA ALA A 302 -11.10 -37.58 -13.58
C ALA A 302 -11.64 -37.53 -15.00
N ALA A 303 -12.30 -38.62 -15.40
CA ALA A 303 -12.77 -38.82 -16.77
C ALA A 303 -13.68 -37.70 -17.28
N LEU B 6 21.19 24.25 8.90
CA LEU B 6 19.77 24.49 8.66
C LEU B 6 19.41 25.99 8.79
N ALA B 7 18.63 26.49 7.85
CA ALA B 7 18.32 27.91 7.79
C ALA B 7 17.29 28.32 8.84
N ASP B 8 17.34 29.59 9.23
CA ASP B 8 16.33 30.20 10.08
C ASP B 8 15.32 30.89 9.17
N LEU B 9 14.11 30.32 9.08
CA LEU B 9 13.10 30.79 8.14
C LEU B 9 12.00 31.59 8.83
N PHE B 10 12.16 31.90 10.12
CA PHE B 10 11.17 32.64 10.89
C PHE B 10 11.79 33.91 11.45
N PRO B 11 11.94 34.96 10.64
CA PRO B 11 12.49 36.21 11.16
C PRO B 11 11.55 36.84 12.17
N GLY B 12 12.11 37.27 13.30
CA GLY B 12 11.31 37.85 14.36
C GLY B 12 10.67 36.85 15.29
N PHE B 13 11.00 35.56 15.17
CA PHE B 13 10.48 34.51 16.03
C PHE B 13 11.58 34.01 16.95
N GLY B 14 11.24 33.77 18.20
CA GLY B 14 12.14 33.07 19.10
C GLY B 14 11.97 31.58 18.96
N SER B 15 12.77 30.85 19.74
CA SER B 15 12.75 29.39 19.77
C SER B 15 12.61 28.95 21.22
N GLU B 16 11.65 28.07 21.48
CA GLU B 16 11.30 27.66 22.84
C GLU B 16 11.22 26.15 22.94
N TRP B 17 11.75 25.62 24.05
CA TRP B 17 11.57 24.23 24.45
C TRP B 17 10.55 24.18 25.59
N ILE B 18 9.42 23.53 25.37
CA ILE B 18 8.31 23.56 26.30
C ILE B 18 8.17 22.19 26.94
N ASN B 19 8.31 22.14 28.27
CA ASN B 19 8.23 20.87 28.97
C ASN B 19 6.79 20.36 29.07
N THR B 20 6.63 19.04 29.00
CA THR B 20 5.37 18.36 29.25
C THR B 20 5.68 17.02 29.90
N SER B 21 4.65 16.41 30.49
CA SER B 21 4.81 15.11 31.13
C SER B 21 5.25 14.03 30.17
N SER B 22 5.12 14.25 28.86
CA SER B 22 5.52 13.26 27.87
C SER B 22 6.79 13.63 27.12
N GLY B 23 7.41 14.76 27.42
CA GLY B 23 8.60 15.21 26.73
C GLY B 23 8.45 16.61 26.19
N ARG B 24 9.57 17.14 25.69
CA ARG B 24 9.61 18.52 25.26
C ARG B 24 8.95 18.71 23.90
N ILE B 25 8.26 19.84 23.75
CA ILE B 25 7.71 20.29 22.48
C ILE B 25 8.53 21.47 22.03
N PHE B 26 9.12 21.38 20.83
CA PHE B 26 9.85 22.53 20.27
C PHE B 26 8.89 23.46 19.53
N ALA B 27 9.13 24.76 19.64
CA ALA B 27 8.29 25.73 18.93
C ALA B 27 9.07 26.99 18.59
N ARG B 28 8.77 27.57 17.43
CA ARG B 28 9.09 28.96 17.15
C ARG B 28 7.93 29.84 17.60
N VAL B 29 8.25 30.98 18.20
CA VAL B 29 7.23 31.82 18.81
C VAL B 29 7.47 33.26 18.39
N GLY B 30 6.46 33.90 17.83
CA GLY B 30 6.57 35.30 17.46
C GLY B 30 5.23 36.00 17.49
N GLY B 31 5.29 37.33 17.41
CA GLY B 31 4.07 38.12 17.42
C GLY B 31 3.55 38.41 18.82
N ASP B 32 2.39 39.07 18.84
CA ASP B 32 1.71 39.40 20.07
C ASP B 32 0.24 39.49 19.77
N GLY B 33 -0.58 39.42 20.82
CA GLY B 33 -2.01 39.43 20.63
C GLY B 33 -2.57 38.07 20.99
N PRO B 34 -3.79 37.78 20.52
CA PRO B 34 -4.42 36.48 20.83
C PRO B 34 -3.51 35.33 20.43
N PRO B 35 -3.49 34.24 21.20
CA PRO B 35 -2.57 33.13 20.90
C PRO B 35 -3.11 32.23 19.79
N LEU B 36 -2.21 31.84 18.87
CA LEU B 36 -2.54 30.96 17.74
C LEU B 36 -1.47 29.89 17.63
N LEU B 37 -1.89 28.62 17.68
CA LEU B 37 -0.98 27.48 17.55
C LEU B 37 -1.11 26.90 16.15
N LEU B 38 0.02 26.64 15.51
CA LEU B 38 0.08 26.03 14.19
C LEU B 38 0.74 24.67 14.27
N LEU B 39 0.11 23.64 13.69
CA LEU B 39 0.58 22.25 13.74
C LEU B 39 0.77 21.67 12.35
N HIS B 40 2.01 21.28 12.04
CA HIS B 40 2.41 20.67 10.77
C HIS B 40 1.96 19.21 10.68
N GLY B 41 2.31 18.55 9.56
CA GLY B 41 2.01 17.16 9.31
C GLY B 41 3.22 16.41 8.75
N PHE B 42 2.93 15.35 8.00
CA PHE B 42 3.86 14.37 7.45
C PHE B 42 4.15 14.66 5.97
N PRO B 43 5.41 14.60 5.52
CA PRO B 43 6.62 14.34 6.30
C PRO B 43 7.35 15.65 6.52
N GLN B 44 6.78 16.53 7.34
CA GLN B 44 7.36 17.86 7.48
C GLN B 44 7.61 18.17 8.95
N THR B 45 7.97 19.41 9.25
CA THR B 45 8.16 19.91 10.60
C THR B 45 7.49 21.28 10.65
N HIS B 46 7.70 21.99 11.76
CA HIS B 46 7.11 23.30 11.94
C HIS B 46 7.50 24.30 10.84
N VAL B 47 8.63 24.09 10.17
CA VAL B 47 9.09 25.08 9.20
C VAL B 47 8.17 25.20 8.01
N MET B 48 7.24 24.24 7.80
CA MET B 48 6.29 24.36 6.70
C MET B 48 5.43 25.61 6.80
N TRP B 49 5.34 26.23 7.98
CA TRP B 49 4.58 27.46 8.13
C TRP B 49 5.39 28.71 7.85
N HIS B 50 6.62 28.60 7.33
CA HIS B 50 7.51 29.77 7.30
C HIS B 50 7.02 30.86 6.35
N ARG B 51 6.19 30.52 5.37
CA ARG B 51 5.72 31.51 4.42
C ARG B 51 4.41 32.18 4.84
N VAL B 52 3.69 31.64 5.82
CA VAL B 52 2.45 32.28 6.29
C VAL B 52 2.55 32.77 7.74
N ALA B 53 3.44 32.19 8.55
CA ALA B 53 3.56 32.62 9.94
C ALA B 53 3.86 34.11 10.09
N PRO B 54 4.71 34.75 9.25
CA PRO B 54 4.90 36.21 9.40
C PRO B 54 3.62 37.01 9.31
N LYS B 55 2.81 36.79 8.27
CA LYS B 55 1.55 37.51 8.16
C LYS B 55 0.63 37.24 9.35
N LEU B 56 0.62 36.00 9.84
CA LEU B 56 -0.19 35.75 11.02
C LEU B 56 0.36 36.48 12.24
N ALA B 57 1.69 36.62 12.33
CA ALA B 57 2.29 37.25 13.50
C ALA B 57 2.09 38.76 13.49
N GLU B 58 1.57 39.32 12.39
CA GLU B 58 1.18 40.73 12.41
C GLU B 58 0.03 40.96 13.36
N ARG B 59 -0.73 39.92 13.68
CA ARG B 59 -1.90 40.07 14.51
C ARG B 59 -1.91 39.13 15.70
N PHE B 60 -1.24 37.99 15.66
CA PHE B 60 -1.37 37.02 16.73
C PHE B 60 -0.01 36.72 17.37
N LYS B 61 -0.07 36.19 18.60
CA LYS B 61 1.08 35.48 19.15
C LYS B 61 1.09 34.10 18.52
N VAL B 62 2.05 33.87 17.63
CA VAL B 62 2.06 32.67 16.81
C VAL B 62 3.03 31.66 17.39
N ILE B 63 2.54 30.45 17.63
CA ILE B 63 3.31 29.36 18.24
C ILE B 63 3.35 28.26 17.19
N VAL B 64 4.54 27.98 16.67
CA VAL B 64 4.74 27.06 15.56
C VAL B 64 5.47 25.86 16.14
N ALA B 65 4.74 24.77 16.38
CA ALA B 65 5.23 23.65 17.17
C ALA B 65 5.52 22.44 16.30
N ASP B 66 6.59 21.73 16.63
CA ASP B 66 6.80 20.38 16.14
C ASP B 66 5.88 19.41 16.89
N LEU B 67 5.19 18.54 16.15
CA LEU B 67 4.34 17.56 16.79
C LEU B 67 5.15 16.68 17.75
N PRO B 68 4.48 16.09 18.74
CA PRO B 68 5.17 15.07 19.56
C PRO B 68 5.85 14.04 18.65
N GLY B 69 7.13 13.81 18.91
CA GLY B 69 7.92 12.86 18.15
C GLY B 69 8.46 13.36 16.83
N TYR B 70 8.08 14.57 16.40
CA TYR B 70 8.51 15.09 15.10
C TYR B 70 9.54 16.19 15.27
N GLY B 71 10.38 16.34 14.24
CA GLY B 71 11.31 17.46 14.21
C GLY B 71 12.26 17.51 15.38
N TRP B 72 12.15 18.53 16.23
CA TRP B 72 13.00 18.67 17.40
C TRP B 72 12.27 18.39 18.70
N SER B 73 10.96 18.12 18.66
CA SER B 73 10.28 17.70 19.89
C SER B 73 10.80 16.32 20.30
N ASP B 74 10.72 16.04 21.61
CA ASP B 74 11.15 14.74 22.11
C ASP B 74 10.29 13.62 21.53
N MET B 75 10.80 12.40 21.62
CA MET B 75 10.08 11.21 21.16
C MET B 75 9.68 10.36 22.35
N PRO B 76 8.46 10.47 22.87
CA PRO B 76 8.03 9.54 23.92
C PRO B 76 8.00 8.11 23.40
N GLU B 77 8.30 7.17 24.29
CA GLU B 77 8.30 5.76 23.89
C GLU B 77 6.88 5.32 23.56
N SER B 78 6.74 4.59 22.44
CA SER B 78 5.43 4.13 22.02
C SER B 78 5.11 2.80 22.70
N ASP B 79 3.92 2.27 22.42
CA ASP B 79 3.52 0.96 22.94
C ASP B 79 2.73 0.21 21.86
N GLU B 80 2.09 -0.88 22.28
CA GLU B 80 1.46 -1.80 21.34
C GLU B 80 0.20 -1.22 20.70
N GLN B 81 -0.47 -0.25 21.34
CA GLN B 81 -1.55 0.47 20.71
C GLN B 81 -1.11 1.86 20.23
N HIS B 82 0.21 2.08 20.12
CA HIS B 82 0.78 3.30 19.55
C HIS B 82 0.24 4.55 20.24
N THR B 83 -0.04 4.44 21.55
CA THR B 83 -0.73 5.46 22.32
C THR B 83 -0.15 6.88 22.19
N PRO B 84 1.15 7.11 22.45
CA PRO B 84 1.65 8.51 22.39
C PRO B 84 1.51 9.17 21.02
N TYR B 85 1.29 8.41 19.95
CA TYR B 85 1.17 9.02 18.63
C TYR B 85 -0.24 8.96 18.10
N THR B 86 -1.20 8.49 18.90
CA THR B 86 -2.60 8.76 18.62
C THR B 86 -2.87 10.25 18.71
N LYS B 87 -3.85 10.72 17.94
CA LYS B 87 -4.12 12.15 17.93
C LYS B 87 -4.72 12.61 19.25
N ARG B 88 -5.48 11.74 19.93
CA ARG B 88 -5.97 12.07 21.27
C ARG B 88 -4.80 12.33 22.22
N ALA B 89 -3.80 11.47 22.21
CA ALA B 89 -2.63 11.65 23.07
C ALA B 89 -1.83 12.89 22.67
N MET B 90 -1.60 13.07 21.37
CA MET B 90 -0.87 14.25 20.91
C MET B 90 -1.57 15.53 21.32
N ALA B 91 -2.90 15.56 21.18
CA ALA B 91 -3.68 16.73 21.61
C ALA B 91 -3.49 16.99 23.10
N LYS B 92 -3.55 15.94 23.92
CA LYS B 92 -3.37 16.14 25.35
C LYS B 92 -1.99 16.73 25.65
N GLN B 93 -0.96 16.24 24.96
CA GLN B 93 0.40 16.71 25.22
C GLN B 93 0.55 18.17 24.80
N LEU B 94 -0.01 18.54 23.63
CA LEU B 94 0.03 19.93 23.20
C LEU B 94 -0.83 20.84 24.09
N ILE B 95 -1.92 20.32 24.67
CA ILE B 95 -2.66 21.10 25.65
C ILE B 95 -1.77 21.40 26.86
N GLU B 96 -0.95 20.42 27.29
CA GLU B 96 -0.03 20.65 28.41
C GLU B 96 1.02 21.70 28.04
N ALA B 97 1.61 21.57 26.85
CA ALA B 97 2.61 22.55 26.43
C ALA B 97 2.02 23.95 26.44
N MET B 98 0.80 24.11 25.91
CA MET B 98 0.22 25.44 25.88
C MET B 98 -0.04 25.95 27.28
N GLU B 99 -0.42 25.07 28.22
CA GLU B 99 -0.61 25.50 29.59
C GLU B 99 0.70 25.99 30.21
N GLN B 100 1.84 25.46 29.77
CA GLN B 100 3.12 25.97 30.25
C GLN B 100 3.31 27.43 29.88
N LEU B 101 2.71 27.87 28.76
CA LEU B 101 2.74 29.27 28.35
C LEU B 101 1.56 30.08 28.90
N GLY B 102 0.70 29.48 29.71
CA GLY B 102 -0.48 30.18 30.18
C GLY B 102 -1.59 30.32 29.17
N HIS B 103 -1.62 29.45 28.16
CA HIS B 103 -2.64 29.50 27.10
C HIS B 103 -3.58 28.33 27.33
N VAL B 104 -4.77 28.62 27.85
CA VAL B 104 -5.81 27.61 28.04
C VAL B 104 -6.99 27.81 27.11
N HIS B 105 -6.95 28.88 26.31
CA HIS B 105 -7.96 29.14 25.29
C HIS B 105 -7.22 29.82 24.15
N PHE B 106 -7.23 29.21 22.98
CA PHE B 106 -6.37 29.65 21.88
C PHE B 106 -7.00 29.23 20.57
N ALA B 107 -6.57 29.91 19.51
CA ALA B 107 -6.91 29.53 18.16
C ALA B 107 -5.91 28.48 17.66
N LEU B 108 -6.37 27.65 16.73
CA LEU B 108 -5.58 26.50 16.29
C LEU B 108 -5.74 26.29 14.79
N ALA B 109 -4.63 26.21 14.06
CA ALA B 109 -4.66 25.75 12.68
C ALA B 109 -3.71 24.58 12.50
N GLY B 110 -4.15 23.55 11.78
CA GLY B 110 -3.33 22.39 11.53
C GLY B 110 -3.39 21.97 10.08
N HIS B 111 -2.36 21.22 9.67
CA HIS B 111 -2.24 20.67 8.32
C HIS B 111 -1.84 19.20 8.43
N ASP B 112 -2.44 18.34 7.61
CA ASP B 112 -2.09 16.90 7.52
C ASP B 112 -2.23 16.30 8.92
N ARG B 113 -1.23 15.56 9.44
CA ARG B 113 -1.37 14.96 10.79
C ARG B 113 -1.74 16.01 11.83
N GLY B 114 -1.15 17.19 11.72
CA GLY B 114 -1.44 18.22 12.70
C GLY B 114 -2.87 18.70 12.67
N ALA B 115 -3.51 18.65 11.50
CA ALA B 115 -4.93 18.95 11.42
C ALA B 115 -5.77 17.85 12.05
N ARG B 116 -5.25 16.61 12.06
CA ARG B 116 -5.95 15.52 12.74
C ARG B 116 -5.82 15.66 14.26
N VAL B 117 -4.63 16.00 14.74
CA VAL B 117 -4.52 16.39 16.15
C VAL B 117 -5.54 17.49 16.46
N SER B 118 -5.72 18.43 15.53
CA SER B 118 -6.51 19.63 15.80
C SER B 118 -7.99 19.30 15.94
N TYR B 119 -8.56 18.53 15.00
CA TYR B 119 -9.99 18.24 15.14
C TYR B 119 -10.24 17.25 16.27
N ARG B 120 -9.29 16.35 16.55
CA ARG B 120 -9.43 15.50 17.74
C ARG B 120 -9.41 16.35 19.00
N LEU B 121 -8.49 17.32 19.08
CA LEU B 121 -8.49 18.27 20.19
C LEU B 121 -9.84 18.92 20.35
N ALA B 122 -10.39 19.42 19.24
CA ALA B 122 -11.68 20.09 19.28
C ALA B 122 -12.79 19.14 19.76
N LEU B 123 -12.75 17.88 19.35
CA LEU B 123 -13.79 16.94 19.78
C LEU B 123 -13.61 16.58 21.25
N ASP B 124 -12.37 16.42 21.71
CA ASP B 124 -12.12 15.99 23.09
C ASP B 124 -12.27 17.15 24.08
N SER B 125 -11.74 18.32 23.74
CA SER B 125 -11.61 19.42 24.68
C SER B 125 -11.99 20.72 24.00
N PRO B 126 -13.25 20.86 23.59
CA PRO B 126 -13.65 22.05 22.81
C PRO B 126 -13.43 23.35 23.57
N GLY B 127 -13.52 23.33 24.90
CA GLY B 127 -13.29 24.55 25.68
C GLY B 127 -11.92 25.16 25.50
N ARG B 128 -10.97 24.40 24.95
CA ARG B 128 -9.62 24.89 24.73
C ARG B 128 -9.53 25.82 23.52
N LEU B 129 -10.49 25.77 22.61
CA LEU B 129 -10.34 26.42 21.31
C LEU B 129 -11.36 27.53 21.14
N SER B 130 -10.89 28.69 20.67
CA SER B 130 -11.77 29.76 20.23
C SER B 130 -12.20 29.56 18.78
N LYS B 131 -11.26 29.20 17.92
CA LYS B 131 -11.53 28.88 16.52
C LYS B 131 -10.53 27.82 16.09
N LEU B 132 -10.88 27.09 15.03
CA LEU B 132 -10.10 25.96 14.54
C LEU B 132 -10.04 25.99 13.03
N ALA B 133 -8.84 25.84 12.46
CA ALA B 133 -8.69 25.69 11.02
C ALA B 133 -7.99 24.38 10.71
N VAL B 134 -8.52 23.64 9.73
CA VAL B 134 -7.92 22.39 9.25
C VAL B 134 -7.62 22.54 7.77
N LEU B 135 -6.42 22.12 7.37
CA LEU B 135 -5.93 22.31 6.01
C LEU B 135 -5.75 20.97 5.30
N ASP B 136 -6.44 20.82 4.17
CA ASP B 136 -6.39 19.67 3.23
C ASP B 136 -6.58 18.31 3.89
N ILE B 137 -7.57 18.19 4.78
CA ILE B 137 -7.92 16.89 5.35
C ILE B 137 -9.43 16.73 5.47
N LEU B 138 -9.86 15.48 5.52
CA LEU B 138 -11.12 15.05 6.11
C LEU B 138 -10.82 14.22 7.35
N PRO B 139 -11.79 14.01 8.24
CA PRO B 139 -11.55 13.16 9.41
C PRO B 139 -11.01 11.80 9.00
N THR B 140 -10.17 11.22 9.87
CA THR B 140 -9.57 9.92 9.57
C THR B 140 -10.63 8.86 9.28
N TYR B 141 -11.72 8.83 10.05
CA TYR B 141 -12.82 7.90 9.77
C TYR B 141 -13.33 8.04 8.32
N GLU B 142 -13.42 9.27 7.82
CA GLU B 142 -13.97 9.49 6.49
C GLU B 142 -13.03 8.99 5.40
N TYR B 143 -11.71 9.10 5.60
CA TYR B 143 -10.78 8.49 4.63
C TYR B 143 -10.98 6.98 4.57
N TRP B 144 -11.07 6.33 5.73
CA TRP B 144 -11.14 4.88 5.75
C TRP B 144 -12.45 4.38 5.19
N GLN B 145 -13.55 5.07 5.48
CA GLN B 145 -14.84 4.68 4.90
C GLN B 145 -14.85 4.82 3.39
N ARG B 146 -13.93 5.60 2.83
CA ARG B 146 -13.80 5.78 1.39
C ARG B 146 -12.68 4.97 0.77
N MET B 147 -12.14 3.98 1.50
CA MET B 147 -10.94 3.26 1.06
C MET B 147 -11.32 2.12 0.10
N ASN B 148 -11.71 2.51 -1.11
CA ASN B 148 -12.00 1.58 -2.18
C ASN B 148 -10.75 1.42 -3.05
N ARG B 149 -10.86 0.75 -4.20
CA ARG B 149 -9.71 0.56 -5.08
C ARG B 149 -9.06 1.89 -5.42
N ALA B 150 -9.86 2.86 -5.91
CA ALA B 150 -9.30 4.14 -6.32
C ALA B 150 -8.57 4.83 -5.17
N TYR B 151 -9.17 4.83 -3.98
CA TYR B 151 -8.53 5.54 -2.87
C TYR B 151 -7.35 4.77 -2.28
N ALA B 152 -7.43 3.43 -2.28
CA ALA B 152 -6.32 2.64 -1.78
C ALA B 152 -5.08 2.83 -2.63
N LEU B 153 -5.26 3.08 -3.92
CA LEU B 153 -4.13 3.38 -4.78
C LEU B 153 -3.66 4.82 -4.57
N LYS B 154 -4.60 5.74 -4.31
CA LYS B 154 -4.25 7.15 -4.20
C LYS B 154 -3.48 7.44 -2.92
N ILE B 155 -3.99 6.98 -1.78
CA ILE B 155 -3.25 7.17 -0.54
C ILE B 155 -2.81 5.81 -0.01
N TYR B 156 -2.02 5.10 -0.82
CA TYR B 156 -1.50 3.79 -0.42
C TYR B 156 -0.73 3.87 0.89
N HIS B 157 -0.11 5.01 1.21
CA HIS B 157 0.79 5.04 2.36
C HIS B 157 0.05 4.93 3.68
N TRP B 158 -1.25 5.20 3.69
CA TRP B 158 -2.06 4.98 4.88
C TRP B 158 -2.07 3.51 5.27
N SER B 159 -2.03 2.61 4.30
CA SER B 159 -1.95 1.19 4.59
C SER B 159 -0.51 0.69 4.69
N PHE B 160 0.39 1.21 3.84
CA PHE B 160 1.77 0.76 3.85
C PHE B 160 2.47 1.14 5.15
N LEU B 161 2.41 2.41 5.53
CA LEU B 161 3.11 2.85 6.73
C LEU B 161 2.48 2.27 7.98
N ALA B 162 1.26 1.72 7.88
CA ALA B 162 0.59 1.11 9.03
C ALA B 162 0.87 -0.38 9.16
N GLN B 163 1.61 -0.97 8.22
CA GLN B 163 1.98 -2.37 8.34
C GLN B 163 2.80 -2.58 9.61
N PRO B 164 2.72 -3.75 10.23
CA PRO B 164 3.45 -3.97 11.48
C PRO B 164 4.94 -3.73 11.31
N ALA B 165 5.53 -3.05 12.28
CA ALA B 165 6.98 -2.91 12.34
C ALA B 165 7.62 -4.30 12.28
N PRO B 166 8.79 -4.45 11.62
CA PRO B 166 9.61 -3.39 11.03
C PRO B 166 9.50 -3.23 9.50
N LEU B 167 8.39 -3.65 8.89
CA LEU B 167 8.31 -3.68 7.43
C LEU B 167 8.49 -2.29 6.82
N PRO B 168 7.70 -1.27 7.18
CA PRO B 168 7.95 0.05 6.57
C PRO B 168 9.27 0.65 7.02
N GLU B 169 9.65 0.45 8.28
CA GLU B 169 10.93 0.98 8.76
C GLU B 169 12.10 0.47 7.91
N ASN B 170 12.14 -0.84 7.70
N ASN B 170 12.12 -0.84 7.66
CA ASN B 170 13.23 -1.44 6.92
CA ASN B 170 13.25 -1.40 6.94
C ASN B 170 13.26 -0.86 5.51
C ASN B 170 13.27 -0.98 5.47
N LEU B 171 12.10 -0.73 4.86
CA LEU B 171 12.08 -0.25 3.48
C LEU B 171 12.48 1.22 3.40
N LEU B 172 12.04 2.03 4.36
CA LEU B 172 12.37 3.46 4.35
C LEU B 172 13.85 3.69 4.60
N GLY B 173 14.51 2.82 5.35
CA GLY B 173 15.92 2.98 5.66
C GLY B 173 16.86 2.83 4.47
N GLY B 174 16.39 2.24 3.37
CA GLY B 174 17.26 2.06 2.21
C GLY B 174 17.67 3.38 1.57
N ASP B 175 16.70 4.23 1.27
CA ASP B 175 16.95 5.52 0.62
C ASP B 175 15.94 6.52 1.17
N PRO B 176 16.15 6.98 2.41
CA PRO B 176 15.17 7.90 3.01
C PRO B 176 15.04 9.22 2.29
N ASP B 177 16.14 9.77 1.78
CA ASP B 177 16.04 11.01 1.00
C ASP B 177 15.06 10.85 -0.16
N PHE B 178 15.08 9.69 -0.83
CA PHE B 178 14.16 9.51 -1.95
C PHE B 178 12.72 9.58 -1.50
N TYR B 179 12.39 8.90 -0.39
CA TYR B 179 10.99 8.77 0.00
C TYR B 179 10.40 10.10 0.46
N VAL B 180 11.11 10.82 1.33
CA VAL B 180 10.57 12.09 1.81
C VAL B 180 10.43 13.06 0.65
N LYS B 181 11.39 13.07 -0.27
CA LYS B 181 11.31 13.95 -1.43
C LYS B 181 10.19 13.53 -2.37
N ALA B 182 9.99 12.21 -2.53
CA ALA B 182 8.90 11.74 -3.38
C ALA B 182 7.54 12.07 -2.77
N LYS B 183 7.40 11.94 -1.45
CA LYS B 183 6.13 12.30 -0.83
C LYS B 183 5.86 13.79 -0.97
N LEU B 184 6.87 14.63 -0.74
CA LEU B 184 6.68 16.07 -0.87
C LEU B 184 6.32 16.43 -2.31
N ALA B 185 7.09 15.91 -3.27
CA ALA B 185 6.87 16.27 -4.67
C ALA B 185 5.54 15.76 -5.18
N SER B 186 5.23 14.48 -4.94
CA SER B 186 4.10 13.89 -5.64
C SER B 186 2.74 14.42 -5.17
N TRP B 187 2.70 15.11 -4.03
N TRP B 187 2.68 15.12 -4.05
CA TRP B 187 1.44 15.65 -3.53
CA TRP B 187 1.41 15.65 -3.57
C TRP B 187 1.20 17.10 -3.93
C TRP B 187 1.25 17.14 -3.83
N THR B 188 2.18 17.77 -4.54
CA THR B 188 2.00 19.13 -4.98
C THR B 188 1.30 19.15 -6.34
N ARG B 189 0.88 20.35 -6.76
CA ARG B 189 0.26 20.48 -8.06
C ARG B 189 1.27 20.19 -9.18
N ALA B 190 2.50 20.66 -9.01
CA ALA B 190 3.51 20.54 -10.07
C ALA B 190 4.13 19.15 -10.15
N GLY B 191 4.06 18.37 -9.08
CA GLY B 191 4.69 17.07 -9.07
C GLY B 191 6.19 17.08 -8.87
N ASP B 192 6.81 18.24 -8.67
CA ASP B 192 8.21 18.32 -8.31
C ASP B 192 8.37 19.10 -7.01
N LEU B 193 9.61 19.43 -6.67
CA LEU B 193 9.91 20.13 -5.43
C LEU B 193 9.96 21.65 -5.60
N SER B 194 9.53 22.16 -6.75
CA SER B 194 9.78 23.57 -7.03
C SER B 194 8.92 24.51 -6.20
N ALA B 195 7.80 24.04 -5.66
CA ALA B 195 6.96 24.85 -4.80
C ALA B 195 7.54 25.04 -3.40
N PHE B 196 8.55 24.27 -3.01
CA PHE B 196 9.13 24.38 -1.68
C PHE B 196 10.38 25.24 -1.72
N ASP B 197 10.58 26.01 -0.66
CA ASP B 197 11.89 26.63 -0.45
C ASP B 197 12.91 25.52 -0.25
N PRO B 198 14.03 25.54 -0.96
CA PRO B 198 15.04 24.48 -0.79
C PRO B 198 15.54 24.33 0.63
N ARG B 199 15.62 25.43 1.39
CA ARG B 199 16.02 25.33 2.78
C ARG B 199 14.96 24.60 3.61
N ALA B 200 13.68 24.75 3.24
CA ALA B 200 12.64 24.02 3.96
C ALA B 200 12.74 22.52 3.67
N VAL B 201 12.99 22.16 2.42
CA VAL B 201 13.18 20.75 2.06
C VAL B 201 14.31 20.13 2.85
N GLU B 202 15.38 20.89 3.09
CA GLU B 202 16.50 20.34 3.84
C GLU B 202 16.11 20.03 5.28
N HIS B 203 15.31 20.90 5.91
CA HIS B 203 14.76 20.57 7.22
C HIS B 203 14.03 19.23 7.18
N TYR B 204 13.16 19.05 6.18
CA TYR B 204 12.37 17.83 6.09
C TYR B 204 13.27 16.62 5.87
N ARG B 205 14.27 16.78 5.02
CA ARG B 205 15.19 15.68 4.74
C ARG B 205 15.99 15.29 5.97
N ILE B 206 16.50 16.28 6.72
CA ILE B 206 17.33 15.98 7.87
C ILE B 206 16.53 15.23 8.93
N ALA B 207 15.29 15.66 9.18
CA ALA B 207 14.45 14.96 10.13
C ALA B 207 14.18 13.53 9.67
N PHE B 208 13.86 13.36 8.38
CA PHE B 208 13.57 12.03 7.86
C PHE B 208 14.80 11.13 7.81
N ALA B 209 16.01 11.69 7.94
CA ALA B 209 17.23 10.89 7.88
C ALA B 209 17.49 10.10 9.14
N ASP B 210 16.78 10.40 10.23
CA ASP B 210 16.94 9.71 11.50
C ASP B 210 16.01 8.51 11.54
N PRO B 211 16.51 7.28 11.75
CA PRO B 211 15.59 6.14 11.83
C PRO B 211 14.60 6.26 12.97
N MET B 212 14.96 6.93 14.06
CA MET B 212 14.03 7.06 15.17
C MET B 212 12.86 7.97 14.82
N ARG B 213 13.12 9.01 14.01
CA ARG B 213 12.04 9.88 13.55
C ARG B 213 11.14 9.15 12.56
N ARG B 214 11.70 8.29 11.71
CA ARG B 214 10.88 7.53 10.76
C ARG B 214 9.99 6.53 11.49
N HIS B 215 10.54 5.85 12.51
CA HIS B 215 9.72 4.94 13.31
C HIS B 215 8.51 5.67 13.90
N VAL B 216 8.72 6.87 14.44
CA VAL B 216 7.62 7.66 15.01
C VAL B 216 6.54 7.93 13.95
N MET B 217 6.96 8.31 12.75
CA MET B 217 5.99 8.53 11.67
C MET B 217 5.18 7.28 11.38
N CYS B 218 5.82 6.11 11.35
CA CYS B 218 5.07 4.87 11.17
C CYS B 218 4.12 4.61 12.33
N GLU B 219 4.54 4.91 13.56
CA GLU B 219 3.63 4.79 14.70
C GLU B 219 2.44 5.73 14.53
N ASP B 220 2.68 6.94 14.04
CA ASP B 220 1.60 7.88 13.72
C ASP B 220 0.59 7.24 12.76
N PHE B 221 1.07 6.66 11.65
CA PHE B 221 0.15 6.06 10.68
C PHE B 221 -0.46 4.76 11.21
N ARG B 222 0.26 4.05 12.08
CA ARG B 222 -0.36 2.92 12.77
C ARG B 222 -1.50 3.39 13.66
N ALA B 223 -1.31 4.49 14.40
CA ALA B 223 -2.44 5.04 15.16
C ALA B 223 -3.58 5.45 14.23
N GLY B 224 -3.26 6.00 13.06
CA GLY B 224 -4.29 6.45 12.15
C GLY B 224 -5.15 5.33 11.60
N ALA B 225 -4.59 4.11 11.52
CA ALA B 225 -5.32 2.96 11.02
C ALA B 225 -6.13 2.28 12.11
N TYR B 226 -5.79 2.53 13.38
CA TYR B 226 -6.40 1.77 14.46
C TYR B 226 -7.05 2.71 15.47
N ALA B 227 -6.36 3.07 16.56
CA ALA B 227 -6.99 3.83 17.64
C ALA B 227 -7.66 5.11 17.13
N ASP B 228 -6.95 5.90 16.31
CA ASP B 228 -7.54 7.13 15.78
C ASP B 228 -8.86 6.84 15.09
N PHE B 229 -8.90 5.77 14.29
CA PHE B 229 -10.13 5.41 13.59
C PHE B 229 -11.23 5.07 14.59
N GLU B 230 -10.88 4.32 15.63
CA GLU B 230 -11.89 3.92 16.61
C GLU B 230 -12.39 5.11 17.42
N HIS B 231 -11.49 6.03 17.77
CA HIS B 231 -11.92 7.25 18.42
C HIS B 231 -12.90 8.01 17.56
N ASP B 232 -12.56 8.22 16.27
CA ASP B 232 -13.48 8.89 15.36
C ASP B 232 -14.81 8.15 15.27
N LYS B 233 -14.76 6.82 15.14
CA LYS B 233 -15.99 6.03 15.01
C LYS B 233 -16.95 6.24 16.19
N ILE B 234 -16.41 6.38 17.40
CA ILE B 234 -17.28 6.63 18.55
C ILE B 234 -18.01 7.97 18.39
N ASP B 235 -17.29 9.01 17.95
CA ASP B 235 -17.92 10.30 17.72
C ASP B 235 -19.00 10.22 16.64
N VAL B 236 -18.73 9.48 15.57
CA VAL B 236 -19.75 9.30 14.53
C VAL B 236 -20.99 8.63 15.12
N GLU B 237 -20.80 7.52 15.84
CA GLU B 237 -21.94 6.80 16.38
C GLU B 237 -22.73 7.64 17.37
N ALA B 238 -22.06 8.55 18.08
CA ALA B 238 -22.73 9.40 19.06
C ALA B 238 -23.36 10.65 18.45
N GLY B 239 -23.12 10.91 17.17
CA GLY B 239 -23.59 12.15 16.57
C GLY B 239 -22.86 13.39 17.04
N ASN B 240 -21.62 13.26 17.48
CA ASN B 240 -20.89 14.39 18.05
C ASN B 240 -20.39 15.31 16.95
N LYS B 241 -20.60 16.60 17.12
CA LYS B 241 -20.15 17.61 16.17
C LYS B 241 -19.30 18.63 16.92
N ILE B 242 -18.23 19.07 16.26
CA ILE B 242 -17.37 20.11 16.81
C ILE B 242 -18.18 21.40 16.92
N PRO B 243 -18.32 21.98 18.12
CA PRO B 243 -19.06 23.24 18.28
C PRO B 243 -18.24 24.49 18.03
N VAL B 244 -16.91 24.37 17.97
CA VAL B 244 -15.99 25.49 17.78
C VAL B 244 -16.14 26.03 16.37
N PRO B 245 -16.19 27.35 16.17
CA PRO B 245 -16.15 27.90 14.79
C PRO B 245 -14.97 27.36 14.03
N MET B 246 -15.22 26.95 12.78
CA MET B 246 -14.28 26.11 12.06
C MET B 246 -14.11 26.60 10.63
N LEU B 247 -12.89 26.44 10.13
CA LEU B 247 -12.56 26.70 8.73
C LEU B 247 -11.89 25.46 8.14
N ALA B 248 -12.44 24.98 7.02
CA ALA B 248 -11.84 23.89 6.25
C ALA B 248 -11.30 24.47 4.95
N LEU B 249 -9.97 24.54 4.82
CA LEU B 249 -9.32 24.88 3.55
C LEU B 249 -8.75 23.62 2.92
N TRP B 250 -8.90 23.50 1.60
CA TRP B 250 -8.35 22.34 0.92
C TRP B 250 -7.85 22.75 -0.47
N GLY B 251 -6.84 22.02 -0.95
CA GLY B 251 -6.33 22.26 -2.30
C GLY B 251 -7.24 21.67 -3.35
N ALA B 252 -7.46 22.43 -4.43
CA ALA B 252 -8.29 21.93 -5.52
C ALA B 252 -7.75 20.62 -6.08
N SER B 253 -6.45 20.40 -5.98
CA SER B 253 -5.83 19.15 -6.40
C SER B 253 -5.15 18.45 -5.23
N GLY B 254 -5.66 18.65 -4.02
CA GLY B 254 -5.14 18.01 -2.82
C GLY B 254 -5.80 16.67 -2.55
N ILE B 255 -5.64 16.22 -1.30
CA ILE B 255 -6.10 14.89 -0.93
C ILE B 255 -7.55 14.90 -0.47
N ALA B 256 -7.96 15.93 0.27
CA ALA B 256 -9.29 15.93 0.86
C ALA B 256 -10.38 15.86 -0.20
N GLN B 257 -10.17 16.52 -1.34
CA GLN B 257 -11.15 16.56 -2.41
C GLN B 257 -11.13 15.31 -3.29
N SER B 258 -10.21 14.37 -3.04
CA SER B 258 -9.96 13.29 -3.98
C SER B 258 -11.20 12.43 -4.18
N ALA B 259 -11.82 11.97 -3.08
CA ALA B 259 -12.95 11.06 -3.13
C ALA B 259 -14.17 11.61 -2.39
N ALA B 260 -14.25 12.93 -2.19
CA ALA B 260 -15.32 13.49 -1.37
C ALA B 260 -15.41 14.99 -1.59
N THR B 261 -16.52 15.56 -1.13
CA THR B 261 -16.80 16.99 -1.21
C THR B 261 -16.50 17.58 0.17
N PRO B 262 -15.37 18.27 0.35
CA PRO B 262 -14.86 18.48 1.72
C PRO B 262 -15.82 19.21 2.65
N LEU B 263 -16.50 20.25 2.17
CA LEU B 263 -17.39 21.01 3.05
C LEU B 263 -18.63 20.21 3.40
N ASP B 264 -19.11 19.35 2.50
CA ASP B 264 -20.20 18.43 2.84
C ASP B 264 -19.78 17.45 3.92
N VAL B 265 -18.55 16.95 3.87
CA VAL B 265 -18.06 16.05 4.89
C VAL B 265 -17.94 16.77 6.23
N TRP B 266 -17.29 17.93 6.23
CA TRP B 266 -17.06 18.60 7.52
C TRP B 266 -18.35 19.06 8.18
N ARG B 267 -19.38 19.39 7.39
N ARG B 267 -19.39 19.39 7.40
CA ARG B 267 -20.65 19.80 7.99
CA ARG B 267 -20.65 19.80 8.00
C ARG B 267 -21.31 18.67 8.75
C ARG B 267 -21.34 18.66 8.73
N LYS B 268 -20.97 17.42 8.44
CA LYS B 268 -21.42 16.29 9.24
C LYS B 268 -20.61 16.15 10.53
N TRP B 269 -19.48 16.86 10.65
CA TRP B 269 -18.60 16.75 11.81
C TRP B 269 -18.55 18.01 12.66
N ALA B 270 -19.19 19.09 12.22
CA ALA B 270 -19.03 20.40 12.82
C ALA B 270 -20.31 21.19 12.59
N SER B 271 -20.74 21.95 13.59
CA SER B 271 -21.98 22.71 13.47
C SER B 271 -21.79 24.13 12.96
N ASP B 272 -20.56 24.63 12.88
CA ASP B 272 -20.31 26.00 12.46
C ASP B 272 -18.99 25.98 11.67
N VAL B 273 -19.08 25.61 10.40
CA VAL B 273 -17.89 25.44 9.58
C VAL B 273 -18.10 26.19 8.26
N GLN B 274 -17.11 26.95 7.86
CA GLN B 274 -17.02 27.52 6.53
C GLN B 274 -15.77 26.95 5.87
N GLY B 275 -15.66 27.17 4.56
CA GLY B 275 -14.54 26.58 3.84
C GLY B 275 -14.48 27.07 2.42
N ALA B 276 -13.36 26.74 1.77
CA ALA B 276 -13.12 27.11 0.38
C ALA B 276 -11.98 26.29 -0.19
N PRO B 277 -12.02 25.97 -1.48
CA PRO B 277 -10.84 25.41 -2.14
C PRO B 277 -9.82 26.48 -2.49
N ILE B 278 -8.56 26.09 -2.47
CA ILE B 278 -7.46 26.92 -2.94
C ILE B 278 -6.78 26.20 -4.09
N GLU B 279 -6.41 26.95 -5.12
CA GLU B 279 -5.70 26.34 -6.25
C GLU B 279 -4.29 26.02 -5.78
N SER B 280 -4.05 24.72 -5.58
CA SER B 280 -2.89 24.22 -4.85
C SER B 280 -3.01 22.71 -4.73
N GLY B 281 -1.89 22.02 -4.65
CA GLY B 281 -1.87 20.64 -4.19
C GLY B 281 -2.06 20.59 -2.70
N HIS B 282 -1.48 19.54 -2.08
CA HIS B 282 -1.72 19.25 -0.67
C HIS B 282 -1.12 20.31 0.26
N PHE B 283 0.01 20.90 -0.13
CA PHE B 283 0.83 21.69 0.80
C PHE B 283 0.43 23.17 0.72
N LEU B 284 -0.82 23.43 1.10
CA LEU B 284 -1.38 24.78 1.05
C LEU B 284 -0.43 25.89 1.50
N PRO B 285 0.18 25.87 2.69
CA PRO B 285 0.95 27.05 3.12
C PRO B 285 2.22 27.28 2.34
N GLU B 286 2.71 26.31 1.59
CA GLU B 286 3.91 26.49 0.77
C GLU B 286 3.59 26.67 -0.70
N GLU B 287 2.63 25.91 -1.23
CA GLU B 287 2.24 26.09 -2.63
C GLU B 287 1.48 27.38 -2.85
N ALA B 288 0.64 27.77 -1.90
CA ALA B 288 -0.25 28.93 -2.06
C ALA B 288 -0.20 29.78 -0.79
N PRO B 289 0.98 30.29 -0.43
CA PRO B 289 1.10 30.99 0.85
C PRO B 289 0.24 32.25 0.95
N ASP B 290 0.07 32.98 -0.16
CA ASP B 290 -0.69 34.23 -0.06
C ASP B 290 -2.17 33.95 0.20
N GLN B 291 -2.79 33.05 -0.56
CA GLN B 291 -4.21 32.79 -0.36
C GLN B 291 -4.47 32.11 0.98
N THR B 292 -3.56 31.24 1.41
CA THR B 292 -3.72 30.58 2.71
C THR B 292 -3.67 31.58 3.85
N ALA B 293 -2.65 32.45 3.84
CA ALA B 293 -2.48 33.43 4.91
C ALA B 293 -3.67 34.37 5.02
N GLU B 294 -4.14 34.91 3.88
CA GLU B 294 -5.29 35.82 3.94
C GLU B 294 -6.54 35.12 4.43
N ALA B 295 -6.79 33.88 3.97
CA ALA B 295 -7.93 33.13 4.48
C ALA B 295 -7.83 32.94 5.99
N LEU B 296 -6.64 32.61 6.50
CA LEU B 296 -6.48 32.35 7.93
C LEU B 296 -6.59 33.63 8.74
N VAL B 297 -5.92 34.70 8.28
CA VAL B 297 -6.02 35.99 8.96
C VAL B 297 -7.47 36.43 9.05
N ARG B 298 -8.18 36.41 7.92
CA ARG B 298 -9.57 36.85 7.90
C ARG B 298 -10.45 35.99 8.80
N PHE B 299 -10.16 34.68 8.89
CA PHE B 299 -10.98 33.79 9.71
C PHE B 299 -10.68 34.00 11.21
N PHE B 300 -9.40 34.07 11.57
CA PHE B 300 -9.06 34.16 12.98
C PHE B 300 -9.26 35.57 13.54
N SER B 301 -9.33 36.59 12.68
CA SER B 301 -9.71 37.93 13.14
C SER B 301 -11.21 38.04 13.37
N ALA B 302 -12.00 37.57 12.41
CA ALA B 302 -13.46 37.70 12.39
C ALA B 302 -14.12 37.33 13.73
CL CL C . -7.11 -13.07 -4.04
CL CL D . -1.99 -12.78 -6.46
CL CL E . 22.04 -26.47 -15.29
CL CL F . -2.98 13.36 6.94
#